data_6IIS
#
_entry.id   6IIS
#
_cell.length_a   33.473
_cell.length_b   33.473
_cell.length_c   198.774
_cell.angle_alpha   90.00
_cell.angle_beta   90.00
_cell.angle_gamma   120.00
#
_symmetry.space_group_name_H-M   'P 31'
#
loop_
_entity.id
_entity.type
_entity.pdbx_description
1 polymer 'Hepatoma-derived growth factor-related protein 3'
2 polymer '16-bp TA-rich DNA'
3 polymer 'H3K36me3 peptide'
4 water water
#
loop_
_entity_poly.entity_id
_entity_poly.type
_entity_poly.pdbx_seq_one_letter_code
_entity_poly.pdbx_strand_id
1 'polypeptide(L)'
;SMARPRPREYKAGDLVFAKMKGYPHWPARIDELPEGAVKPPANKYPIFFFGTHETAFLGPKDLFPYKEYKDKFGKSNKRK
GFNEGLWEIENNPGVKFTGY
;
A,B
2 'polydeoxyribonucleotide' (DT)(DA)(DT)(DA)(DT)(DA)(DT)(DA)(DT)(DA)(DT)(DA)(DT)(DA)(DT)(DA) C,D
3 'polypeptide(L)' GGV(M3L)KPHR E,F
#
loop_
_chem_comp.id
_chem_comp.type
_chem_comp.name
_chem_comp.formula
DA DNA linking 2'-DEOXYADENOSINE-5'-MONOPHOSPHATE 'C10 H14 N5 O6 P'
DT DNA linking THYMIDINE-5'-MONOPHOSPHATE 'C10 H15 N2 O8 P'
#
# COMPACT_ATOMS: atom_id res chain seq x y z
N MET A 2 -7.33 -17.90 18.09
CA MET A 2 -6.64 -17.31 19.24
C MET A 2 -5.25 -16.75 18.90
N ALA A 3 -4.95 -15.59 19.51
CA ALA A 3 -3.72 -14.84 19.24
C ALA A 3 -3.21 -14.11 20.50
N ARG A 4 -2.06 -14.52 21.04
CA ARG A 4 -1.57 -13.93 22.28
C ARG A 4 -1.35 -12.43 22.14
N PRO A 5 -1.81 -11.66 23.11
CA PRO A 5 -1.50 -10.23 23.01
C PRO A 5 -0.02 -10.00 23.28
N ARG A 6 0.50 -8.85 22.86
CA ARG A 6 1.83 -8.45 23.24
C ARG A 6 1.75 -7.89 24.64
N PRO A 7 2.90 -7.74 25.33
CA PRO A 7 2.89 -7.14 26.66
C PRO A 7 2.29 -5.74 26.62
N ARG A 8 1.63 -5.34 27.70
CA ARG A 8 1.10 -3.97 27.78
C ARG A 8 1.93 -3.22 28.81
N GLU A 9 2.76 -3.98 29.51
CA GLU A 9 3.75 -3.40 30.40
C GLU A 9 5.10 -4.06 30.17
N TYR A 10 6.15 -3.26 30.35
CA TYR A 10 7.51 -3.80 30.23
C TYR A 10 8.32 -3.41 31.45
N LYS A 11 9.44 -4.09 31.67
CA LYS A 11 10.34 -3.80 32.77
C LYS A 11 11.72 -3.42 32.20
N ALA A 12 12.47 -2.63 32.94
CA ALA A 12 13.80 -2.21 32.49
C ALA A 12 14.70 -3.43 32.28
N GLY A 13 15.44 -3.44 31.19
CA GLY A 13 16.27 -4.59 30.86
C GLY A 13 15.63 -5.51 29.83
N ASP A 14 14.31 -5.43 29.69
CA ASP A 14 13.59 -6.26 28.71
C ASP A 14 14.12 -6.00 27.31
N LEU A 15 14.33 -7.07 26.55
CA LEU A 15 14.84 -6.93 25.19
C LEU A 15 13.70 -7.03 24.20
N VAL A 16 13.59 -6.04 23.31
CA VAL A 16 12.52 -6.04 22.32
C VAL A 16 12.96 -5.68 20.92
N PHE A 17 11.98 -5.69 20.03
CA PHE A 17 12.08 -5.01 18.76
C PHE A 17 11.25 -3.76 18.85
N ALA A 18 11.82 -2.62 18.44
CA ALA A 18 11.09 -1.36 18.53
C ALA A 18 10.84 -0.82 17.16
N LYS A 19 9.61 -0.35 16.92
CA LYS A 19 9.20 0.10 15.60
C LYS A 19 8.87 1.57 15.58
N MET A 20 9.56 2.32 14.72
CA MET A 20 9.21 3.71 14.52
C MET A 20 8.92 3.91 13.06
N LYS A 21 8.25 5.01 12.73
CA LYS A 21 7.84 5.29 11.36
C LYS A 21 9.05 5.52 10.52
N GLY A 22 9.12 4.83 9.39
CA GLY A 22 10.21 5.02 8.44
C GLY A 22 11.37 4.05 8.59
N TYR A 23 11.37 3.26 9.66
CA TYR A 23 12.49 2.36 9.95
C TYR A 23 11.97 0.97 10.16
N PRO A 24 12.79 -0.05 9.85
CA PRO A 24 12.37 -1.43 10.15
C PRO A 24 12.28 -1.66 11.64
N HIS A 25 11.53 -2.67 12.05
CA HIS A 25 11.53 -3.12 13.43
C HIS A 25 12.98 -3.30 13.91
N TRP A 26 13.32 -2.66 15.02
CA TRP A 26 14.69 -2.42 15.38
C TRP A 26 15.05 -3.02 16.75
N PRO A 27 16.15 -3.79 16.79
CA PRO A 27 16.59 -4.41 18.04
C PRO A 27 16.82 -3.34 19.10
N ALA A 28 16.19 -3.52 20.26
CA ALA A 28 16.14 -2.45 21.23
C ALA A 28 15.88 -2.95 22.65
N ARG A 29 16.03 -2.04 23.62
CA ARG A 29 15.92 -2.41 25.04
C ARG A 29 15.11 -1.39 25.84
N ILE A 30 14.32 -1.88 26.79
CA ILE A 30 13.63 -0.98 27.73
C ILE A 30 14.59 -0.49 28.81
N ASP A 31 14.97 0.78 28.76
CA ASP A 31 15.82 1.35 29.80
C ASP A 31 14.99 1.73 31.00
N GLU A 32 15.67 2.16 32.06
CA GLU A 32 14.96 2.51 33.28
C GLU A 32 14.56 3.96 33.21
N LEU A 33 13.60 4.35 34.02
CA LEU A 33 13.34 5.77 34.20
C LEU A 33 13.72 6.10 35.64
N PRO A 34 14.87 6.76 35.83
CA PRO A 34 15.32 7.01 37.20
C PRO A 34 14.33 7.90 37.89
N GLU A 35 14.08 7.67 39.17
CA GLU A 35 13.19 8.57 39.87
C GLU A 35 13.93 9.86 40.08
N GLY A 36 13.23 10.92 40.49
CA GLY A 36 13.85 12.22 40.66
C GLY A 36 14.19 12.86 39.34
N ALA A 37 13.40 12.48 38.32
CA ALA A 37 13.53 13.04 37.01
C ALA A 37 12.14 13.45 36.55
N VAL A 38 12.08 14.22 35.48
CA VAL A 38 10.83 14.53 34.81
C VAL A 38 10.10 13.24 34.41
N LYS A 39 8.84 13.13 34.83
CA LYS A 39 7.92 12.08 34.41
C LYS A 39 7.79 12.03 32.89
N PRO A 40 7.67 10.81 32.33
CA PRO A 40 7.36 10.68 30.90
C PRO A 40 5.86 10.71 30.63
N PRO A 41 5.47 10.88 29.35
CA PRO A 41 4.05 10.79 29.02
C PRO A 41 3.54 9.41 29.34
N ALA A 42 2.30 9.31 29.81
CA ALA A 42 1.79 8.02 30.28
C ALA A 42 2.02 6.89 29.27
N ASN A 43 2.39 5.71 29.79
CA ASN A 43 2.55 4.50 29.02
C ASN A 43 3.58 4.63 27.90
N LYS A 44 4.62 5.41 28.16
CA LYS A 44 5.73 5.45 27.24
C LYS A 44 7.00 5.01 27.96
N TYR A 45 7.84 4.23 27.28
CA TYR A 45 9.02 3.63 27.90
C TYR A 45 10.28 4.20 27.26
N PRO A 46 11.31 4.42 28.08
CA PRO A 46 12.57 4.89 27.48
C PRO A 46 13.23 3.73 26.74
N ILE A 47 13.47 3.94 25.44
CA ILE A 47 14.01 2.91 24.57
C ILE A 47 15.47 3.15 24.25
N PHE A 48 16.28 2.09 24.25
CA PHE A 48 17.68 2.16 23.77
C PHE A 48 17.79 1.28 22.52
N PHE A 49 18.17 1.89 21.38
CA PHE A 49 18.33 1.11 20.14
C PHE A 49 19.77 0.61 20.02
N PHE A 50 19.95 -0.67 19.75
CA PHE A 50 21.28 -1.20 19.54
C PHE A 50 21.81 -0.83 18.16
N GLY A 51 23.13 -0.81 18.00
CA GLY A 51 23.73 -0.36 16.76
C GLY A 51 23.98 1.15 16.68
N THR A 52 22.91 1.93 16.84
CA THR A 52 22.98 3.39 16.78
C THR A 52 23.15 4.00 18.16
N HIS A 53 22.62 3.29 19.15
CA HIS A 53 22.59 3.79 20.53
C HIS A 53 21.78 5.08 20.65
N GLU A 54 20.73 5.17 19.84
CA GLU A 54 19.82 6.29 19.97
C GLU A 54 18.74 5.93 21.00
N THR A 55 17.94 6.91 21.40
CA THR A 55 16.86 6.67 22.34
C THR A 55 15.53 7.27 21.88
N ALA A 56 14.42 6.77 22.40
CA ALA A 56 13.11 7.40 22.19
C ALA A 56 12.16 6.93 23.28
N PHE A 57 10.94 7.46 23.26
CA PHE A 57 9.87 6.98 24.12
C PHE A 57 8.77 6.44 23.24
N LEU A 58 8.31 5.24 23.57
CA LEU A 58 7.36 4.51 22.75
C LEU A 58 6.40 3.82 23.70
N GLY A 59 5.14 3.66 23.27
CA GLY A 59 4.23 2.77 23.99
C GLY A 59 4.34 1.35 23.44
N PRO A 60 3.76 0.37 24.17
CA PRO A 60 3.71 -1.07 23.91
C PRO A 60 3.29 -1.48 22.50
N LYS A 61 2.50 -0.65 21.82
CA LYS A 61 2.05 -0.96 20.46
C LYS A 61 3.23 -1.05 19.53
N ASP A 62 4.26 -0.27 19.80
CA ASP A 62 5.43 -0.25 18.94
C ASP A 62 6.50 -1.19 19.44
N LEU A 63 6.17 -1.98 20.47
CA LEU A 63 7.15 -2.89 21.08
C LEU A 63 6.83 -4.36 20.90
N PHE A 64 7.84 -5.13 20.55
CA PHE A 64 7.68 -6.55 20.30
C PHE A 64 8.78 -7.28 21.05
N PRO A 65 8.41 -8.14 22.01
CA PRO A 65 9.43 -8.88 22.77
C PRO A 65 10.40 -9.64 21.87
N TYR A 66 11.69 -9.41 22.09
CA TYR A 66 12.74 -9.88 21.19
C TYR A 66 12.77 -11.38 20.89
N LYS A 67 12.76 -12.20 21.93
CA LYS A 67 12.84 -13.64 21.71
C LYS A 67 11.66 -14.09 20.83
N GLU A 68 10.45 -13.67 21.18
CA GLU A 68 9.23 -14.06 20.46
C GLU A 68 9.21 -13.63 18.97
N TYR A 69 9.78 -12.47 18.66
CA TYR A 69 9.66 -11.95 17.29
C TYR A 69 10.97 -11.95 16.50
N LYS A 70 11.97 -12.61 17.08
CA LYS A 70 13.32 -12.64 16.53
C LYS A 70 13.37 -13.01 15.05
N ASP A 71 12.73 -14.09 14.62
CA ASP A 71 12.98 -14.43 13.23
C ASP A 71 11.96 -13.85 12.27
N LYS A 72 10.99 -13.09 12.78
CA LYS A 72 10.20 -12.24 11.89
C LYS A 72 10.89 -10.89 11.70
N PHE A 73 11.65 -10.43 12.69
CA PHE A 73 12.25 -9.11 12.54
C PHE A 73 13.79 -9.14 12.48
N GLY A 74 14.38 -10.27 12.87
CA GLY A 74 15.82 -10.40 12.98
C GLY A 74 16.60 -10.81 11.73
N LYS A 75 16.19 -10.31 10.59
CA LYS A 75 16.92 -10.52 9.35
C LYS A 75 17.78 -9.31 9.08
N SER A 76 18.90 -9.53 8.41
CA SER A 76 19.81 -8.44 8.11
C SER A 76 19.10 -7.38 7.30
N ASN A 77 19.65 -6.18 7.33
CA ASN A 77 19.02 -5.05 6.69
C ASN A 77 20.13 -4.01 6.52
N LYS A 78 20.10 -3.21 5.46
CA LYS A 78 21.28 -2.41 5.18
C LYS A 78 21.31 -1.07 5.92
N ARG A 79 20.22 -0.72 6.60
CA ARG A 79 20.18 0.55 7.32
C ARG A 79 21.33 0.66 8.32
N LYS A 80 21.92 1.85 8.37
CA LYS A 80 23.11 2.08 9.20
C LYS A 80 22.78 1.78 10.67
N GLY A 81 23.55 0.85 11.23
CA GLY A 81 23.40 0.48 12.62
C GLY A 81 22.66 -0.83 12.80
N PHE A 82 21.86 -1.22 11.81
CA PHE A 82 20.93 -2.31 12.06
C PHE A 82 21.61 -3.64 12.34
N ASN A 83 22.54 -4.01 11.46
CA ASN A 83 23.26 -5.25 11.61
C ASN A 83 24.14 -5.25 12.85
N GLU A 84 24.70 -4.09 13.20
CA GLU A 84 25.44 -3.96 14.47
C GLU A 84 24.49 -4.14 15.67
N GLY A 85 23.25 -3.71 15.50
CA GLY A 85 22.25 -3.85 16.55
C GLY A 85 21.88 -5.30 16.78
N LEU A 86 21.74 -6.06 15.69
CA LEU A 86 21.50 -7.50 15.77
C LEU A 86 22.61 -8.16 16.56
N TRP A 87 23.83 -7.69 16.31
CA TRP A 87 24.98 -8.24 17.02
C TRP A 87 24.93 -7.89 18.52
N GLU A 88 24.58 -6.64 18.82
CA GLU A 88 24.57 -6.18 20.21
C GLU A 88 23.45 -6.80 21.07
N ILE A 89 22.27 -7.02 20.49
CA ILE A 89 21.14 -7.56 21.26
C ILE A 89 21.45 -9.02 21.65
N GLU A 90 22.38 -9.65 20.95
CA GLU A 90 22.75 -11.00 21.31
C GLU A 90 23.99 -11.06 22.22
N ASN A 91 25.04 -10.29 21.88
CA ASN A 91 26.32 -10.45 22.58
C ASN A 91 26.61 -9.40 23.67
N ASN A 92 25.93 -8.25 23.61
CA ASN A 92 26.14 -7.20 24.59
C ASN A 92 24.89 -6.37 24.89
N PRO A 93 23.82 -7.01 25.34
CA PRO A 93 22.55 -6.28 25.44
C PRO A 93 22.48 -5.39 26.67
N GLY A 94 23.49 -5.46 27.52
CA GLY A 94 23.56 -4.53 28.63
C GLY A 94 24.34 -3.24 28.38
N VAL A 95 24.80 -3.05 27.15
CA VAL A 95 25.68 -1.93 26.85
C VAL A 95 25.00 -0.59 27.19
N LYS A 96 25.67 0.17 28.05
CA LYS A 96 25.17 1.43 28.63
C LYS A 96 23.90 1.30 29.47
N PHE A 97 23.52 0.08 29.83
CA PHE A 97 22.33 -0.11 30.67
C PHE A 97 22.59 0.25 32.14
N THR A 98 21.87 1.24 32.63
CA THR A 98 22.04 1.73 33.98
C THR A 98 21.09 1.08 34.98
N GLY A 99 20.07 0.40 34.47
CA GLY A 99 19.05 -0.22 35.31
C GLY A 99 19.57 -1.07 36.45
N TYR A 100 20.45 -2.01 36.13
CA TYR A 100 21.06 -2.90 37.12
C TYR A 100 22.27 -3.57 36.49
N MET B 2 -36.45 7.78 -8.48
CA MET B 2 -36.03 7.48 -9.84
C MET B 2 -34.50 7.35 -10.00
N ALA B 3 -34.09 6.29 -10.70
CA ALA B 3 -32.70 6.05 -11.03
C ALA B 3 -32.56 5.57 -12.48
N ARG B 4 -32.09 6.44 -13.37
CA ARG B 4 -31.93 6.07 -14.79
C ARG B 4 -30.97 4.91 -14.98
N PRO B 5 -31.46 3.83 -15.59
CA PRO B 5 -30.57 2.71 -15.92
C PRO B 5 -29.46 3.09 -16.92
N ARG B 6 -28.30 2.45 -16.78
CA ARG B 6 -27.21 2.59 -17.73
C ARG B 6 -27.50 1.74 -18.94
N PRO B 7 -26.97 2.15 -20.10
CA PRO B 7 -27.26 1.47 -21.38
C PRO B 7 -27.07 -0.02 -21.26
N ARG B 8 -27.98 -0.77 -21.86
CA ARG B 8 -27.83 -2.22 -21.94
C ARG B 8 -27.27 -2.54 -23.30
N GLU B 9 -27.17 -1.51 -24.14
CA GLU B 9 -26.57 -1.67 -25.46
C GLU B 9 -25.62 -0.54 -25.81
N TYR B 10 -24.49 -0.90 -26.39
CA TYR B 10 -23.45 0.05 -26.76
C TYR B 10 -23.11 -0.10 -28.23
N LYS B 11 -22.68 0.99 -28.86
CA LYS B 11 -22.17 0.93 -30.23
C LYS B 11 -20.67 1.29 -30.28
N ALA B 12 -19.99 0.80 -31.32
CA ALA B 12 -18.58 1.11 -31.55
C ALA B 12 -18.36 2.61 -31.56
N GLY B 13 -17.38 3.08 -30.80
CA GLY B 13 -17.10 4.50 -30.74
C GLY B 13 -17.54 5.13 -29.42
N ASP B 14 -18.45 4.49 -28.70
CA ASP B 14 -18.89 5.06 -27.44
C ASP B 14 -17.71 5.18 -26.44
N LEU B 15 -17.57 6.33 -25.79
CA LEU B 15 -16.57 6.46 -24.74
C LEU B 15 -17.23 6.20 -23.38
N VAL B 16 -16.55 5.40 -22.56
CA VAL B 16 -17.06 4.99 -21.26
C VAL B 16 -15.98 4.90 -20.19
N PHE B 17 -16.45 4.60 -18.98
CA PHE B 17 -15.62 4.11 -17.92
C PHE B 17 -15.88 2.63 -17.82
N ALA B 18 -14.82 1.84 -17.76
CA ALA B 18 -14.93 0.38 -17.77
C ALA B 18 -14.37 -0.20 -16.48
N LYS B 19 -15.15 -1.04 -15.81
CA LYS B 19 -14.78 -1.55 -14.49
C LYS B 19 -14.31 -3.01 -14.51
N MET B 20 -13.09 -3.25 -14.04
CA MET B 20 -12.63 -4.62 -13.81
C MET B 20 -12.24 -4.76 -12.35
N LYS B 21 -12.12 -5.99 -11.85
CA LYS B 21 -11.80 -6.23 -10.46
C LYS B 21 -10.36 -5.87 -10.20
N GLY B 22 -10.11 -5.08 -9.17
CA GLY B 22 -8.75 -4.70 -8.84
C GLY B 22 -8.39 -3.29 -9.26
N TYR B 23 -9.16 -2.73 -10.19
CA TYR B 23 -8.84 -1.46 -10.82
C TYR B 23 -9.97 -0.47 -10.63
N PRO B 24 -9.63 0.80 -10.46
CA PRO B 24 -10.64 1.85 -10.46
C PRO B 24 -11.36 1.89 -11.79
N HIS B 25 -12.55 2.47 -11.85
CA HIS B 25 -13.21 2.67 -13.12
C HIS B 25 -12.27 3.38 -14.12
N TRP B 26 -12.12 2.82 -15.31
CA TRP B 26 -11.03 3.18 -16.19
C TRP B 26 -11.49 3.77 -17.52
N PRO B 27 -10.90 4.91 -17.91
CA PRO B 27 -11.34 5.59 -19.14
C PRO B 27 -11.19 4.68 -20.36
N ALA B 28 -12.29 4.42 -21.08
CA ALA B 28 -12.26 3.44 -22.15
C ALA B 28 -13.25 3.70 -23.28
N ARG B 29 -13.20 2.86 -24.28
CA ARG B 29 -13.95 3.03 -25.51
C ARG B 29 -14.49 1.66 -25.97
N ILE B 30 -15.73 1.63 -26.45
CA ILE B 30 -16.27 0.43 -27.12
C ILE B 30 -15.71 0.31 -28.53
N ASP B 31 -14.98 -0.76 -28.79
CA ASP B 31 -14.42 -1.02 -30.13
C ASP B 31 -15.44 -1.75 -30.96
N GLU B 32 -15.15 -1.91 -32.25
CA GLU B 32 -16.06 -2.63 -33.11
C GLU B 32 -15.64 -4.08 -33.06
N LEU B 33 -16.59 -5.00 -33.20
CA LEU B 33 -16.23 -6.37 -33.45
C LEU B 33 -16.23 -6.56 -34.95
N PRO B 34 -15.05 -6.86 -35.55
CA PRO B 34 -15.03 -7.05 -37.00
C PRO B 34 -15.74 -8.35 -37.34
N GLU B 35 -16.70 -8.35 -38.25
CA GLU B 35 -17.38 -9.62 -38.47
C GLU B 35 -16.56 -10.45 -39.43
N GLY B 36 -16.87 -11.75 -39.46
CA GLY B 36 -16.00 -12.70 -40.11
C GLY B 36 -14.89 -13.00 -39.13
N ALA B 37 -15.27 -13.04 -37.87
CA ALA B 37 -14.37 -13.39 -36.78
C ALA B 37 -15.11 -14.27 -35.79
N VAL B 38 -14.36 -14.88 -34.89
CA VAL B 38 -14.93 -15.55 -33.76
C VAL B 38 -15.88 -14.62 -32.99
N LYS B 39 -17.14 -15.05 -32.85
CA LYS B 39 -18.14 -14.24 -32.18
C LYS B 39 -17.94 -14.29 -30.67
N PRO B 40 -18.08 -13.15 -29.98
CA PRO B 40 -17.80 -13.10 -28.54
C PRO B 40 -18.91 -13.75 -27.75
N PRO B 41 -18.74 -13.87 -26.43
CA PRO B 41 -19.87 -14.23 -25.58
C PRO B 41 -21.05 -13.27 -25.78
N ALA B 42 -22.26 -13.75 -25.55
CA ALA B 42 -23.44 -12.90 -25.69
C ALA B 42 -23.38 -11.67 -24.77
N ASN B 43 -23.90 -10.54 -25.27
CA ASN B 43 -23.96 -9.26 -24.55
C ASN B 43 -22.64 -8.79 -23.92
N LYS B 44 -21.53 -9.10 -24.56
CA LYS B 44 -20.24 -8.58 -24.13
C LYS B 44 -19.59 -7.81 -25.27
N TYR B 45 -18.85 -6.76 -24.95
CA TYR B 45 -18.34 -5.84 -25.97
C TYR B 45 -16.83 -5.80 -25.88
N PRO B 46 -16.16 -5.57 -27.01
CA PRO B 46 -14.70 -5.45 -26.93
C PRO B 46 -14.31 -4.08 -26.43
N ILE B 47 -13.49 -4.04 -25.39
CA ILE B 47 -13.14 -2.79 -24.73
C ILE B 47 -11.70 -2.40 -25.02
N PHE B 48 -11.48 -1.11 -25.30
CA PHE B 48 -10.12 -0.55 -25.47
C PHE B 48 -9.86 0.44 -24.33
N PHE B 49 -8.84 0.20 -23.51
CA PHE B 49 -8.54 1.09 -22.38
C PHE B 49 -7.55 2.15 -22.83
N PHE B 50 -7.92 3.42 -22.67
CA PHE B 50 -6.95 4.50 -22.78
C PHE B 50 -5.84 4.39 -21.73
N GLY B 51 -4.69 4.98 -22.02
CA GLY B 51 -3.54 4.92 -21.12
C GLY B 51 -2.65 3.70 -21.32
N THR B 52 -3.23 2.50 -21.25
CA THR B 52 -2.48 1.23 -21.40
C THR B 52 -2.62 0.64 -22.81
N HIS B 53 -3.75 0.92 -23.43
CA HIS B 53 -4.12 0.32 -24.73
C HIS B 53 -4.30 -1.20 -24.60
N GLU B 54 -4.73 -1.64 -23.42
CA GLU B 54 -5.10 -3.03 -23.23
C GLU B 54 -6.52 -3.25 -23.73
N THR B 55 -6.92 -4.51 -23.89
CA THR B 55 -8.28 -4.82 -24.35
C THR B 55 -8.97 -5.88 -23.48
N ALA B 56 -10.29 -5.91 -23.54
CA ALA B 56 -11.06 -6.91 -22.80
C ALA B 56 -12.48 -6.93 -23.30
N PHE B 57 -13.24 -7.90 -22.82
CA PHE B 57 -14.65 -8.03 -23.13
C PHE B 57 -15.44 -7.89 -21.85
N LEU B 58 -16.43 -7.00 -21.87
CA LEU B 58 -17.15 -6.60 -20.67
C LEU B 58 -18.59 -6.32 -21.03
N GLY B 59 -19.50 -6.83 -20.20
CA GLY B 59 -20.90 -6.50 -20.34
C GLY B 59 -21.21 -5.11 -19.79
N PRO B 60 -22.42 -4.61 -20.12
CA PRO B 60 -22.98 -3.30 -19.81
C PRO B 60 -22.99 -3.00 -18.33
N LYS B 61 -23.07 -4.04 -17.51
CA LYS B 61 -23.07 -3.89 -16.04
C LYS B 61 -21.75 -3.30 -15.56
N ASP B 62 -20.68 -3.49 -16.34
CA ASP B 62 -19.39 -2.92 -15.99
C ASP B 62 -19.04 -1.71 -16.87
N LEU B 63 -20.04 -1.12 -17.53
CA LEU B 63 -19.79 0.03 -18.41
C LEU B 63 -20.53 1.27 -17.98
N PHE B 64 -19.85 2.39 -18.01
CA PHE B 64 -20.44 3.64 -17.53
C PHE B 64 -20.23 4.73 -18.56
N PRO B 65 -21.32 5.22 -19.15
CA PRO B 65 -21.22 6.31 -20.12
C PRO B 65 -20.32 7.44 -19.61
N TYR B 66 -19.36 7.81 -20.44
CA TYR B 66 -18.27 8.67 -20.05
C TYR B 66 -18.70 10.04 -19.58
N LYS B 67 -19.32 10.81 -20.47
CA LYS B 67 -19.76 12.16 -20.14
C LYS B 67 -20.64 12.12 -18.88
N GLU B 68 -21.55 11.13 -18.80
CA GLU B 68 -22.39 10.96 -17.60
C GLU B 68 -21.58 10.75 -16.31
N TYR B 69 -20.54 9.94 -16.37
CA TYR B 69 -19.82 9.61 -15.14
C TYR B 69 -18.45 10.25 -15.03
N LYS B 70 -18.24 11.35 -15.75
CA LYS B 70 -16.94 12.04 -15.73
C LYS B 70 -16.55 12.48 -14.34
N ASP B 71 -17.31 13.39 -13.75
CA ASP B 71 -16.93 13.93 -12.46
C ASP B 71 -16.81 12.83 -11.42
N LYS B 72 -17.61 11.78 -11.55
CA LYS B 72 -17.56 10.70 -10.56
C LYS B 72 -16.31 9.84 -10.71
N PHE B 73 -15.84 9.62 -11.93
CA PHE B 73 -14.69 8.73 -12.09
C PHE B 73 -13.48 9.39 -12.71
N GLY B 74 -13.61 10.66 -13.11
CA GLY B 74 -12.55 11.35 -13.82
C GLY B 74 -11.44 11.95 -12.98
N LYS B 75 -11.23 11.45 -11.77
CA LYS B 75 -10.24 12.07 -10.89
C LYS B 75 -8.89 11.36 -10.94
N SER B 76 -7.83 12.12 -10.65
CA SER B 76 -6.46 11.58 -10.64
C SER B 76 -6.32 10.28 -9.87
N ASN B 77 -5.49 9.41 -10.40
CA ASN B 77 -5.28 8.12 -9.79
C ASN B 77 -3.86 7.70 -10.11
N LYS B 78 -3.17 7.14 -9.13
CA LYS B 78 -1.74 6.85 -9.26
C LYS B 78 -1.45 5.63 -10.13
N ARG B 79 -2.48 4.88 -10.49
CA ARG B 79 -2.28 3.64 -11.23
C ARG B 79 -1.74 3.90 -12.63
N LYS B 80 -0.84 3.02 -13.05
CA LYS B 80 -0.09 3.19 -14.28
C LYS B 80 -1.01 3.20 -15.49
N GLY B 81 -0.86 4.23 -16.32
CA GLY B 81 -1.76 4.43 -17.44
C GLY B 81 -2.94 5.33 -17.14
N PHE B 82 -3.37 5.44 -15.89
CA PHE B 82 -4.65 6.10 -15.62
C PHE B 82 -4.74 7.57 -16.06
N ASN B 83 -3.89 8.42 -15.51
CA ASN B 83 -3.88 9.82 -15.90
C ASN B 83 -3.51 9.99 -17.40
N GLU B 84 -2.79 9.02 -17.96
CA GLU B 84 -2.52 9.02 -19.40
C GLU B 84 -3.82 8.73 -20.13
N GLY B 85 -4.60 7.78 -19.62
CA GLY B 85 -5.92 7.49 -20.15
C GLY B 85 -6.86 8.69 -20.13
N LEU B 86 -6.94 9.39 -18.98
CA LEU B 86 -7.76 10.61 -18.86
C LEU B 86 -7.45 11.60 -19.98
N TRP B 87 -6.16 11.76 -20.23
CA TRP B 87 -5.69 12.64 -21.28
C TRP B 87 -6.19 12.18 -22.64
N GLU B 88 -6.15 10.87 -22.87
CA GLU B 88 -6.52 10.31 -24.17
C GLU B 88 -8.03 10.32 -24.45
N ILE B 89 -8.87 10.17 -23.42
CA ILE B 89 -10.30 10.06 -23.66
C ILE B 89 -10.86 11.42 -24.04
N GLU B 90 -10.20 12.49 -23.60
CA GLU B 90 -10.67 13.83 -23.92
C GLU B 90 -9.98 14.44 -25.14
N ASN B 91 -8.74 14.05 -25.42
CA ASN B 91 -7.97 14.73 -26.45
C ASN B 91 -7.74 13.89 -27.72
N ASN B 92 -7.57 12.57 -27.55
CA ASN B 92 -7.32 11.65 -28.65
C ASN B 92 -8.07 10.33 -28.50
N PRO B 93 -9.41 10.37 -28.49
CA PRO B 93 -10.19 9.17 -28.15
C PRO B 93 -10.23 8.15 -29.28
N GLY B 94 -9.67 8.52 -30.43
CA GLY B 94 -9.73 7.71 -31.63
C GLY B 94 -8.51 6.84 -31.86
N VAL B 95 -7.58 6.90 -30.92
CA VAL B 95 -6.34 6.14 -31.04
C VAL B 95 -6.60 4.65 -31.28
N LYS B 96 -6.02 4.13 -32.36
CA LYS B 96 -6.16 2.73 -32.79
C LYS B 96 -7.59 2.25 -32.94
N PHE B 97 -8.51 3.15 -33.26
CA PHE B 97 -9.91 2.75 -33.39
C PHE B 97 -10.19 2.47 -34.86
N THR B 98 -10.59 1.24 -35.17
CA THR B 98 -10.83 0.89 -36.56
C THR B 98 -12.30 0.80 -36.91
N GLY B 99 -13.15 1.34 -36.03
CA GLY B 99 -14.58 1.29 -36.26
C GLY B 99 -15.02 2.16 -37.42
N TYR B 100 -14.48 3.37 -37.49
CA TYR B 100 -14.81 4.33 -38.55
C TYR B 100 -13.86 5.52 -38.47
N GLY E 1 24.26 8.25 21.73
CA GLY E 1 23.50 8.74 20.60
C GLY E 1 22.41 9.67 21.07
N GLY E 2 21.82 10.39 20.13
CA GLY E 2 20.76 11.30 20.49
C GLY E 2 19.38 10.70 20.45
N VAL E 3 18.39 11.57 20.61
CA VAL E 3 16.99 11.17 20.54
C VAL E 3 16.56 10.88 19.10
N M3L E 4 16.09 9.66 18.89
CA M3L E 4 15.47 9.30 17.64
CB M3L E 4 15.55 7.78 17.37
CG M3L E 4 14.63 7.21 16.30
CD M3L E 4 15.36 6.39 15.24
CE M3L E 4 16.06 5.18 15.85
NZ M3L E 4 16.31 4.04 14.90
C M3L E 4 14.05 9.88 17.66
O M3L E 4 13.11 9.39 18.29
CM1 M3L E 4 15.02 3.35 14.57
CM2 M3L E 4 17.34 3.10 15.41
CM3 M3L E 4 16.92 4.64 13.69
N LYS E 5 13.93 11.02 16.99
CA LYS E 5 12.65 11.73 16.94
C LYS E 5 11.99 11.46 15.59
N GLY F 1 -0.59 -2.54 -25.33
CA GLY F 1 -0.89 -3.66 -24.45
C GLY F 1 -1.69 -4.76 -25.12
N GLY F 2 -1.96 -5.83 -24.35
CA GLY F 2 -2.73 -6.97 -24.85
C GLY F 2 -4.05 -7.17 -24.11
N VAL F 3 -4.58 -8.39 -24.11
CA VAL F 3 -5.77 -8.68 -23.32
C VAL F 3 -5.41 -8.69 -21.84
N M3L F 4 -6.02 -7.77 -21.08
CA M3L F 4 -5.99 -7.81 -19.64
CB M3L F 4 -5.73 -6.44 -18.97
CG M3L F 4 -6.98 -5.63 -18.70
CD M3L F 4 -6.85 -4.72 -17.48
CE M3L F 4 -7.28 -3.31 -17.88
NZ M3L F 4 -6.91 -2.17 -16.96
C M3L F 4 -7.29 -8.40 -19.08
O M3L F 4 -8.38 -8.17 -19.60
CM1 M3L F 4 -8.07 -1.83 -16.07
CM2 M3L F 4 -6.42 -1.01 -17.76
CM3 M3L F 4 -5.76 -2.61 -16.11
N LYS F 5 -7.15 -9.20 -18.03
CA LYS F 5 -8.28 -9.85 -17.35
C LYS F 5 -7.81 -10.63 -16.14
#